data_2ZHY
#
_entry.id   2ZHY
#
_cell.length_a   52.583
_cell.length_b   149.107
_cell.length_c   157.354
_cell.angle_alpha   90.000
_cell.angle_beta   90.000
_cell.angle_gamma   90.000
#
_symmetry.space_group_name_H-M   'C 2 2 21'
#
loop_
_entity.id
_entity.type
_entity.pdbx_description
1 polymer 'ATP:cob(I)alamin adenosyltransferase, putative'
2 water water
#
_entity_poly.entity_id   1
_entity_poly.type   'polypeptide(L)'
_entity_poly.pdbx_seq_one_letter_code
;MGNRLSKIATRTGDDGTTGLGDGSRVRKDDARIAAIGDVDELNSQIGVLLAEPLPDDVRAALSAIQHDLFDLGGELCIPG
HAAITDAHLARLDGWLAHYNGQLPPLEEFILPGGARGAALAHVCRTVCRRAERSIVALGASEPLNAAPRRYVNRLSDLLF
VLARVLNRAAGGADVLWDRTRAH
;
_entity_poly.pdbx_strand_id   A,B,C
#
# COMPACT_ATOMS: atom_id res chain seq x y z
N ASP A 30 -20.95 0.05 -0.97
CA ASP A 30 -19.51 0.15 -0.57
C ASP A 30 -18.54 0.03 -1.74
N ALA A 31 -18.97 -0.58 -2.83
CA ALA A 31 -18.11 -0.75 -4.00
C ALA A 31 -17.70 0.60 -4.59
N ARG A 32 -18.64 1.53 -4.68
CA ARG A 32 -18.34 2.85 -5.24
C ARG A 32 -17.42 3.66 -4.33
N ILE A 33 -17.69 3.64 -3.03
CA ILE A 33 -16.88 4.35 -2.05
C ILE A 33 -15.44 3.83 -2.08
N ALA A 34 -15.32 2.51 -2.19
CA ALA A 34 -14.01 1.87 -2.22
C ALA A 34 -13.22 2.23 -3.47
N ALA A 35 -13.90 2.27 -4.62
CA ALA A 35 -13.25 2.61 -5.88
C ALA A 35 -12.77 4.05 -5.86
N ILE A 36 -13.62 4.95 -5.34
CA ILE A 36 -13.26 6.35 -5.24
C ILE A 36 -12.02 6.47 -4.37
N GLY A 37 -12.00 5.73 -3.25
CA GLY A 37 -10.85 5.78 -2.36
C GLY A 37 -9.57 5.27 -2.96
N ASP A 38 -9.62 4.14 -3.68
CA ASP A 38 -8.41 3.59 -4.27
C ASP A 38 -7.82 4.50 -5.34
N VAL A 39 -8.69 5.13 -6.13
CA VAL A 39 -8.22 6.04 -7.16
C VAL A 39 -7.49 7.19 -6.45
N ASP A 40 -8.09 7.70 -5.36
CA ASP A 40 -7.50 8.78 -4.56
C ASP A 40 -6.14 8.31 -4.03
N GLU A 41 -6.07 7.08 -3.54
CA GLU A 41 -4.79 6.56 -3.02
C GLU A 41 -3.75 6.52 -4.13
N LEU A 42 -4.17 6.09 -5.32
CA LEU A 42 -3.27 6.02 -6.47
C LEU A 42 -2.75 7.40 -6.83
N ASN A 43 -3.65 8.37 -6.92
CA ASN A 43 -3.28 9.74 -7.24
C ASN A 43 -2.28 10.27 -6.21
N SER A 44 -2.48 9.93 -4.94
CA SER A 44 -1.56 10.38 -3.90
C SER A 44 -0.18 9.75 -4.06
N GLN A 45 -0.14 8.48 -4.45
CA GLN A 45 1.14 7.80 -4.64
C GLN A 45 1.89 8.45 -5.81
N ILE A 46 1.16 8.88 -6.84
CA ILE A 46 1.81 9.54 -7.96
C ILE A 46 2.35 10.90 -7.50
N GLY A 47 1.70 11.51 -6.51
CA GLY A 47 2.19 12.78 -5.99
C GLY A 47 3.55 12.57 -5.33
N VAL A 48 3.74 11.41 -4.72
CA VAL A 48 5.01 11.08 -4.08
C VAL A 48 6.08 10.86 -5.14
N LEU A 49 5.70 10.20 -6.24
CA LEU A 49 6.64 9.97 -7.33
C LEU A 49 7.02 11.32 -7.94
N LEU A 50 6.04 12.20 -8.05
CA LEU A 50 6.26 13.53 -8.62
C LEU A 50 7.19 14.40 -7.76
N ALA A 51 7.40 13.99 -6.52
CA ALA A 51 8.29 14.71 -5.61
C ALA A 51 9.74 14.32 -5.83
N GLU A 52 9.96 13.41 -6.78
CA GLU A 52 11.30 12.94 -7.11
C GLU A 52 11.81 13.63 -8.36
N PRO A 53 13.13 13.56 -8.60
CA PRO A 53 13.68 14.19 -9.81
C PRO A 53 13.14 13.31 -10.95
N LEU A 54 12.69 13.91 -12.05
CA LEU A 54 12.15 13.14 -13.16
C LEU A 54 12.44 13.80 -14.50
N PRO A 55 12.45 13.01 -15.59
CA PRO A 55 12.71 13.65 -16.88
C PRO A 55 11.50 14.54 -17.13
N ASP A 56 11.69 15.65 -17.83
CA ASP A 56 10.58 16.58 -18.08
C ASP A 56 9.35 15.95 -18.73
N ASP A 57 9.58 15.12 -19.75
CA ASP A 57 8.47 14.48 -20.43
C ASP A 57 7.67 13.61 -19.47
N VAL A 58 8.35 12.88 -18.60
CA VAL A 58 7.69 12.01 -17.63
C VAL A 58 6.89 12.83 -16.61
N ARG A 59 7.49 13.90 -16.10
CA ARG A 59 6.80 14.75 -15.14
C ARG A 59 5.50 15.30 -15.74
N ALA A 60 5.56 15.73 -17.00
CA ALA A 60 4.38 16.26 -17.67
C ALA A 60 3.26 15.23 -17.81
N ALA A 61 3.62 14.00 -18.19
CA ALA A 61 2.62 12.96 -18.33
C ALA A 61 1.99 12.66 -16.98
N LEU A 62 2.83 12.44 -15.97
CA LEU A 62 2.34 12.15 -14.63
C LEU A 62 1.43 13.27 -14.11
N SER A 63 1.79 14.52 -14.40
CA SER A 63 0.99 15.65 -13.95
C SER A 63 -0.38 15.64 -14.60
N ALA A 64 -0.44 15.36 -15.89
CA ALA A 64 -1.71 15.33 -16.60
C ALA A 64 -2.55 14.18 -16.06
N ILE A 65 -1.89 13.07 -15.77
CA ILE A 65 -2.58 11.90 -15.24
C ILE A 65 -3.28 12.22 -13.92
N GLN A 66 -2.64 13.03 -13.08
CA GLN A 66 -3.24 13.40 -11.81
C GLN A 66 -4.58 14.09 -12.05
N HIS A 67 -4.65 14.93 -13.08
CA HIS A 67 -5.89 15.61 -13.39
C HIS A 67 -6.89 14.61 -13.92
N ASP A 68 -6.42 13.64 -14.71
CA ASP A 68 -7.30 12.60 -15.24
C ASP A 68 -7.95 11.82 -14.10
N LEU A 69 -7.13 11.40 -13.13
CA LEU A 69 -7.64 10.62 -12.00
C LEU A 69 -8.65 11.44 -11.19
N PHE A 70 -8.44 12.74 -11.14
CA PHE A 70 -9.33 13.64 -10.43
C PHE A 70 -10.70 13.58 -11.12
N ASP A 71 -10.71 13.67 -12.45
CA ASP A 71 -11.97 13.60 -13.20
C ASP A 71 -12.58 12.21 -13.08
N LEU A 72 -11.72 11.19 -13.10
CA LEU A 72 -12.18 9.81 -12.99
C LEU A 72 -12.90 9.63 -11.65
N GLY A 73 -12.27 10.08 -10.58
CA GLY A 73 -12.87 9.97 -9.27
C GLY A 73 -14.20 10.69 -9.23
N GLY A 74 -14.24 11.86 -9.85
CA GLY A 74 -15.46 12.65 -9.89
C GLY A 74 -16.57 11.91 -10.62
N GLU A 75 -16.19 11.13 -11.62
CA GLU A 75 -17.14 10.36 -12.42
C GLU A 75 -17.69 9.12 -11.71
N LEU A 76 -16.86 8.42 -10.96
CA LEU A 76 -17.30 7.22 -10.25
C LEU A 76 -18.34 7.61 -9.20
N CYS A 77 -18.17 8.80 -8.63
CA CYS A 77 -19.07 9.30 -7.61
C CYS A 77 -20.43 9.74 -8.13
N ILE A 78 -20.47 10.90 -8.77
CA ILE A 78 -21.73 11.44 -9.30
C ILE A 78 -22.33 10.59 -10.43
N PRO A 79 -23.57 10.11 -10.24
CA PRO A 79 -24.30 9.28 -11.20
C PRO A 79 -24.85 10.10 -12.38
N GLY A 80 -24.71 9.58 -13.60
CA GLY A 80 -25.21 10.29 -14.78
C GLY A 80 -24.18 11.24 -15.36
N HIS A 81 -23.02 11.31 -14.71
CA HIS A 81 -21.96 12.19 -15.17
C HIS A 81 -20.71 11.41 -15.56
N ALA A 82 -20.29 11.60 -16.81
CA ALA A 82 -19.12 10.93 -17.37
C ALA A 82 -18.04 11.95 -17.70
N ALA A 83 -16.80 11.67 -17.31
CA ALA A 83 -15.68 12.57 -17.55
C ALA A 83 -14.53 11.95 -18.34
N ILE A 84 -14.41 10.63 -18.28
CA ILE A 84 -13.34 9.92 -18.99
C ILE A 84 -13.86 9.52 -20.37
N THR A 85 -13.15 9.97 -21.41
CA THR A 85 -13.54 9.70 -22.79
C THR A 85 -12.46 8.98 -23.58
N ASP A 86 -12.76 8.72 -24.85
CA ASP A 86 -11.82 8.05 -25.75
C ASP A 86 -10.52 8.83 -25.85
N ALA A 87 -10.63 10.16 -25.83
CA ALA A 87 -9.45 11.02 -25.91
C ALA A 87 -8.47 10.74 -24.77
N HIS A 88 -9.01 10.48 -23.59
CA HIS A 88 -8.17 10.17 -22.43
C HIS A 88 -7.44 8.86 -22.70
N LEU A 89 -8.17 7.89 -23.26
CA LEU A 89 -7.57 6.58 -23.55
C LEU A 89 -6.55 6.72 -24.68
N ALA A 90 -6.85 7.58 -25.65
CA ALA A 90 -5.97 7.81 -26.78
C ALA A 90 -4.65 8.40 -26.31
N ARG A 91 -4.72 9.29 -25.33
CA ARG A 91 -3.51 9.91 -24.80
C ARG A 91 -2.62 8.88 -24.09
N LEU A 92 -3.22 7.97 -23.33
CA LEU A 92 -2.44 6.96 -22.66
C LEU A 92 -1.81 6.03 -23.71
N ASP A 93 -2.59 5.61 -24.70
CA ASP A 93 -2.06 4.75 -25.76
C ASP A 93 -0.86 5.43 -26.40
N GLY A 94 -0.98 6.75 -26.60
CA GLY A 94 0.11 7.51 -27.19
C GLY A 94 1.36 7.47 -26.34
N TRP A 95 1.23 7.71 -25.04
CA TRP A 95 2.39 7.68 -24.15
C TRP A 95 2.97 6.27 -24.09
N LEU A 96 2.12 5.26 -24.10
CA LEU A 96 2.60 3.88 -24.08
C LEU A 96 3.46 3.65 -25.33
N ALA A 97 2.90 3.98 -26.48
CA ALA A 97 3.60 3.82 -27.75
C ALA A 97 4.93 4.58 -27.73
N HIS A 98 4.89 5.82 -27.26
CA HIS A 98 6.08 6.66 -27.18
C HIS A 98 7.20 6.09 -26.31
N TYR A 99 6.89 5.84 -25.05
CA TYR A 99 7.88 5.31 -24.12
C TYR A 99 8.37 3.91 -24.45
N ASN A 100 7.47 3.05 -24.93
CA ASN A 100 7.89 1.68 -25.28
C ASN A 100 8.83 1.68 -26.47
N GLY A 101 8.68 2.65 -27.35
CA GLY A 101 9.55 2.74 -28.50
C GLY A 101 10.94 3.17 -28.07
N GLN A 102 11.03 3.75 -26.88
CA GLN A 102 12.29 4.22 -26.33
C GLN A 102 13.05 3.09 -25.63
N LEU A 103 12.43 1.94 -25.49
CA LEU A 103 13.07 0.82 -24.80
C LEU A 103 12.97 -0.50 -25.57
N PRO A 104 14.00 -1.35 -25.46
CA PRO A 104 13.98 -2.63 -26.15
C PRO A 104 12.99 -3.54 -25.43
N PRO A 105 12.30 -4.42 -26.16
CA PRO A 105 11.34 -5.30 -25.48
C PRO A 105 12.01 -6.01 -24.30
N LEU A 106 11.25 -6.21 -23.23
CA LEU A 106 11.78 -6.88 -22.05
C LEU A 106 12.04 -8.34 -22.43
N GLU A 107 13.24 -8.83 -22.12
CA GLU A 107 13.61 -10.20 -22.45
C GLU A 107 13.43 -11.18 -21.28
N GLU A 108 13.72 -10.70 -20.07
CA GLU A 108 13.59 -11.53 -18.87
C GLU A 108 12.60 -10.88 -17.91
N PHE A 109 12.11 -11.65 -16.95
CA PHE A 109 11.18 -11.12 -15.96
C PHE A 109 11.98 -10.14 -15.09
N ILE A 110 11.33 -9.08 -14.62
CA ILE A 110 12.02 -8.12 -13.76
C ILE A 110 11.30 -7.98 -12.43
N LEU A 111 12.05 -7.57 -11.42
CA LEU A 111 11.52 -7.38 -10.08
C LEU A 111 11.26 -5.89 -9.89
N PRO A 112 10.21 -5.53 -9.14
CA PRO A 112 9.89 -4.12 -8.91
C PRO A 112 10.97 -3.44 -8.06
N GLY A 113 11.61 -2.41 -8.63
CA GLY A 113 12.65 -1.72 -7.90
C GLY A 113 13.67 -1.06 -8.79
N GLY A 114 14.80 -0.67 -8.21
CA GLY A 114 15.86 0.00 -8.96
C GLY A 114 16.07 1.38 -8.36
N ALA A 115 16.10 2.40 -9.20
CA ALA A 115 16.26 3.77 -8.71
C ALA A 115 14.98 4.07 -7.91
N ARG A 116 15.05 5.01 -6.97
CA ARG A 116 13.88 5.33 -6.15
C ARG A 116 12.66 5.71 -6.99
N GLY A 117 12.87 6.52 -8.02
CA GLY A 117 11.76 6.90 -8.88
C GLY A 117 11.13 5.68 -9.54
N ALA A 118 11.99 4.75 -9.97
CA ALA A 118 11.53 3.52 -10.61
C ALA A 118 10.75 2.66 -9.62
N ALA A 119 11.27 2.54 -8.40
CA ALA A 119 10.62 1.76 -7.36
C ALA A 119 9.25 2.35 -7.02
N LEU A 120 9.20 3.68 -6.95
CA LEU A 120 7.95 4.38 -6.63
C LEU A 120 6.93 4.18 -7.75
N ALA A 121 7.42 4.14 -8.99
CA ALA A 121 6.53 3.93 -10.13
C ALA A 121 5.89 2.55 -10.03
N HIS A 122 6.66 1.56 -9.56
CA HIS A 122 6.12 0.22 -9.40
C HIS A 122 5.06 0.20 -8.30
N VAL A 123 5.27 0.96 -7.23
CA VAL A 123 4.27 1.02 -6.17
C VAL A 123 3.01 1.63 -6.78
N CYS A 124 3.17 2.70 -7.56
CA CYS A 124 2.03 3.33 -8.21
C CYS A 124 1.33 2.32 -9.10
N ARG A 125 2.12 1.52 -9.83
CA ARG A 125 1.58 0.50 -10.72
C ARG A 125 0.67 -0.45 -9.95
N THR A 126 1.16 -1.00 -8.83
CA THR A 126 0.37 -1.94 -8.06
C THR A 126 -0.88 -1.33 -7.41
N VAL A 127 -0.79 -0.05 -7.03
CA VAL A 127 -1.93 0.62 -6.42
C VAL A 127 -2.97 0.88 -7.51
N CYS A 128 -2.49 1.12 -8.73
CA CYS A 128 -3.38 1.34 -9.87
C CYS A 128 -4.11 0.03 -10.17
N ARG A 129 -3.38 -1.08 -10.10
CA ARG A 129 -4.03 -2.38 -10.33
C ARG A 129 -5.08 -2.61 -9.24
N ARG A 130 -4.77 -2.19 -8.02
CA ARG A 130 -5.68 -2.34 -6.89
C ARG A 130 -6.93 -1.50 -7.14
N ALA A 131 -6.73 -0.28 -7.63
CA ALA A 131 -7.85 0.61 -7.94
C ALA A 131 -8.66 0.01 -9.08
N GLU A 132 -7.99 -0.72 -9.98
CA GLU A 132 -8.69 -1.33 -11.10
C GLU A 132 -9.61 -2.45 -10.62
N ARG A 133 -9.13 -3.25 -9.66
CA ARG A 133 -9.94 -4.33 -9.13
C ARG A 133 -11.25 -3.80 -8.53
N SER A 134 -11.17 -2.72 -7.76
CA SER A 134 -12.38 -2.17 -7.17
C SER A 134 -13.27 -1.50 -8.23
N ILE A 135 -12.67 -0.88 -9.25
CA ILE A 135 -13.46 -0.26 -10.30
C ILE A 135 -14.21 -1.36 -11.06
N VAL A 136 -13.54 -2.48 -11.29
CA VAL A 136 -14.17 -3.60 -11.96
C VAL A 136 -15.30 -4.11 -11.06
N ALA A 137 -15.06 -4.12 -9.75
CA ALA A 137 -16.08 -4.59 -8.80
C ALA A 137 -17.31 -3.71 -8.87
N LEU A 138 -17.09 -2.40 -8.99
CA LEU A 138 -18.17 -1.41 -9.06
C LEU A 138 -19.01 -1.61 -10.31
N GLY A 139 -18.35 -1.91 -11.42
CA GLY A 139 -19.06 -2.10 -12.68
C GLY A 139 -19.85 -3.38 -12.72
N ALA A 140 -19.49 -4.33 -11.86
CA ALA A 140 -20.18 -5.61 -11.81
C ALA A 140 -21.53 -5.54 -11.09
N SER A 141 -21.68 -4.59 -10.18
CA SER A 141 -22.93 -4.46 -9.43
C SER A 141 -23.62 -3.12 -9.64
N GLU A 142 -23.16 -2.34 -10.59
CA GLU A 142 -23.77 -1.03 -10.84
C GLU A 142 -23.51 -0.57 -12.27
N PRO A 143 -24.49 0.10 -12.89
CA PRO A 143 -24.33 0.60 -14.26
C PRO A 143 -23.10 1.49 -14.35
N LEU A 144 -22.02 0.95 -14.91
CA LEU A 144 -20.79 1.72 -15.03
C LEU A 144 -20.26 1.74 -16.46
N ASN A 145 -19.80 2.92 -16.88
CA ASN A 145 -19.22 3.11 -18.20
C ASN A 145 -17.92 2.31 -18.20
N ALA A 146 -17.47 1.83 -19.36
CA ALA A 146 -16.26 1.04 -19.42
C ALA A 146 -14.96 1.85 -19.49
N ALA A 147 -15.07 3.15 -19.76
CA ALA A 147 -13.88 3.99 -19.86
C ALA A 147 -13.01 3.99 -18.59
N PRO A 148 -13.63 4.05 -17.40
CA PRO A 148 -12.84 4.05 -16.16
C PRO A 148 -11.88 2.89 -16.03
N ARG A 149 -12.38 1.67 -16.22
CA ARG A 149 -11.53 0.50 -16.10
C ARG A 149 -10.50 0.46 -17.22
N ARG A 150 -10.89 0.88 -18.43
CA ARG A 150 -9.96 0.88 -19.55
C ARG A 150 -8.85 1.88 -19.30
N TYR A 151 -9.18 2.97 -18.63
CA TYR A 151 -8.18 4.00 -18.32
C TYR A 151 -7.12 3.44 -17.37
N VAL A 152 -7.53 2.82 -16.27
CA VAL A 152 -6.56 2.30 -15.32
C VAL A 152 -5.84 1.05 -15.81
N ASN A 153 -6.45 0.36 -16.77
CA ASN A 153 -5.83 -0.84 -17.34
C ASN A 153 -4.60 -0.35 -18.08
N ARG A 154 -4.78 0.74 -18.84
CA ARG A 154 -3.69 1.33 -19.60
C ARG A 154 -2.67 2.01 -18.69
N LEU A 155 -3.15 2.70 -17.65
CA LEU A 155 -2.26 3.39 -16.73
C LEU A 155 -1.34 2.37 -16.03
N SER A 156 -1.88 1.20 -15.68
CA SER A 156 -1.07 0.18 -15.03
C SER A 156 0.12 -0.18 -15.93
N ASP A 157 -0.16 -0.40 -17.21
CA ASP A 157 0.92 -0.73 -18.16
C ASP A 157 1.86 0.44 -18.38
N LEU A 158 1.33 1.66 -18.34
CA LEU A 158 2.17 2.84 -18.54
C LEU A 158 3.12 3.06 -17.37
N LEU A 159 2.67 2.79 -16.15
CA LEU A 159 3.52 2.96 -14.98
C LEU A 159 4.65 1.92 -14.97
N PHE A 160 4.39 0.75 -15.55
CA PHE A 160 5.40 -0.31 -15.62
C PHE A 160 6.52 0.19 -16.53
N VAL A 161 6.12 0.71 -17.68
CA VAL A 161 7.06 1.25 -18.67
C VAL A 161 7.81 2.45 -18.12
N LEU A 162 7.11 3.34 -17.42
CA LEU A 162 7.77 4.52 -16.86
C LEU A 162 8.82 4.12 -15.84
N ALA A 163 8.58 3.00 -15.14
CA ALA A 163 9.54 2.53 -14.16
C ALA A 163 10.83 2.19 -14.91
N ARG A 164 10.68 1.52 -16.04
CA ARG A 164 11.83 1.15 -16.86
C ARG A 164 12.56 2.39 -17.35
N VAL A 165 11.78 3.40 -17.77
CA VAL A 165 12.36 4.65 -18.27
C VAL A 165 13.14 5.34 -17.16
N LEU A 166 12.58 5.33 -15.96
CA LEU A 166 13.24 5.98 -14.83
C LEU A 166 14.51 5.24 -14.43
N ASN A 167 14.52 3.91 -14.57
CA ASN A 167 15.72 3.18 -14.24
C ASN A 167 16.83 3.53 -15.24
N ARG A 168 16.47 3.56 -16.53
CA ARG A 168 17.44 3.90 -17.56
C ARG A 168 17.89 5.35 -17.40
N ALA A 169 16.96 6.25 -17.13
CA ALA A 169 17.27 7.66 -16.96
C ALA A 169 18.26 7.90 -15.82
N ALA A 170 18.23 7.03 -14.82
CA ALA A 170 19.12 7.13 -13.67
C ALA A 170 20.47 6.53 -14.00
N GLY A 171 20.58 5.95 -15.19
CA GLY A 171 21.82 5.33 -15.62
C GLY A 171 21.90 3.86 -15.28
N GLY A 172 20.81 3.31 -14.73
CA GLY A 172 20.81 1.91 -14.36
C GLY A 172 19.99 1.02 -15.27
N ALA A 173 19.69 -0.17 -14.78
CA ALA A 173 18.89 -1.15 -15.51
C ALA A 173 17.82 -1.69 -14.59
N ASP A 174 16.88 -2.44 -15.14
CA ASP A 174 15.80 -3.02 -14.35
C ASP A 174 16.36 -4.19 -13.55
N VAL A 175 15.76 -4.46 -12.39
CA VAL A 175 16.18 -5.57 -11.56
C VAL A 175 15.58 -6.84 -12.14
N LEU A 176 16.42 -7.79 -12.53
CA LEU A 176 15.93 -9.03 -13.12
C LEU A 176 15.75 -10.15 -12.10
N SER B 6 -17.19 3.37 -28.51
CA SER B 6 -15.75 3.75 -28.39
C SER B 6 -14.98 3.51 -29.69
N LYS B 7 -14.17 4.49 -30.08
CA LYS B 7 -13.37 4.37 -31.29
C LYS B 7 -11.96 3.91 -30.94
N ILE B 8 -11.76 3.54 -29.68
CA ILE B 8 -10.45 3.09 -29.22
C ILE B 8 -10.28 1.57 -29.28
N ALA B 9 -9.16 1.13 -29.84
CA ALA B 9 -8.86 -0.29 -29.98
C ALA B 9 -8.84 -1.00 -28.63
N THR B 10 -9.22 -2.26 -28.64
CA THR B 10 -9.25 -3.07 -27.43
C THR B 10 -7.85 -3.53 -27.03
N ARG B 11 -7.57 -3.44 -25.73
CA ARG B 11 -6.31 -3.88 -25.19
C ARG B 11 -6.63 -5.03 -24.24
N THR B 12 -5.70 -5.96 -24.13
CA THR B 12 -5.87 -7.11 -23.25
C THR B 12 -6.20 -6.62 -21.84
N GLY B 13 -7.33 -7.07 -21.29
CA GLY B 13 -7.72 -6.67 -19.95
C GLY B 13 -8.78 -5.58 -19.90
N ASP B 14 -9.09 -5.02 -21.07
CA ASP B 14 -10.09 -3.96 -21.14
C ASP B 14 -11.48 -4.41 -20.70
N ASP B 15 -11.74 -5.72 -20.77
CA ASP B 15 -13.03 -6.25 -20.38
C ASP B 15 -13.17 -6.54 -18.87
N GLY B 16 -12.17 -6.15 -18.09
CA GLY B 16 -12.24 -6.37 -16.66
C GLY B 16 -11.70 -7.69 -16.17
N THR B 17 -11.14 -8.48 -17.08
CA THR B 17 -10.59 -9.78 -16.68
C THR B 17 -9.08 -9.77 -16.86
N THR B 18 -8.42 -10.75 -16.26
CA THR B 18 -6.98 -10.89 -16.39
C THR B 18 -6.70 -12.37 -16.62
N GLY B 19 -5.57 -12.67 -17.24
CA GLY B 19 -5.24 -14.06 -17.52
C GLY B 19 -4.39 -14.73 -16.47
N LEU B 20 -4.71 -16.00 -16.19
CA LEU B 20 -3.94 -16.79 -15.23
C LEU B 20 -2.88 -17.56 -16.01
N GLY B 21 -1.98 -18.21 -15.29
CA GLY B 21 -0.90 -18.95 -15.93
C GLY B 21 -1.30 -20.12 -16.80
N ASP B 22 -2.53 -20.63 -16.65
CA ASP B 22 -2.98 -21.75 -17.45
C ASP B 22 -3.79 -21.33 -18.66
N GLY B 23 -3.77 -20.02 -18.95
CA GLY B 23 -4.51 -19.53 -20.10
C GLY B 23 -5.93 -19.09 -19.78
N SER B 24 -6.47 -19.56 -18.67
CA SER B 24 -7.83 -19.18 -18.27
C SER B 24 -7.88 -17.70 -17.88
N ARG B 25 -9.09 -17.14 -17.89
CA ARG B 25 -9.24 -15.74 -17.52
C ARG B 25 -10.27 -15.55 -16.41
N VAL B 26 -9.91 -14.73 -15.44
CA VAL B 26 -10.80 -14.47 -14.31
C VAL B 26 -11.02 -12.97 -14.19
N ARG B 27 -12.17 -12.58 -13.63
CA ARG B 27 -12.46 -11.17 -13.47
C ARG B 27 -11.43 -10.62 -12.47
N LYS B 28 -11.00 -9.38 -12.70
CA LYS B 28 -10.00 -8.76 -11.85
C LYS B 28 -10.31 -8.59 -10.36
N ASP B 29 -11.58 -8.68 -9.98
CA ASP B 29 -11.90 -8.55 -8.56
C ASP B 29 -11.98 -9.92 -7.88
N ASP B 30 -11.55 -10.97 -8.58
CA ASP B 30 -11.55 -12.31 -8.02
C ASP B 30 -10.58 -12.35 -6.85
N ALA B 31 -10.89 -13.13 -5.82
CA ALA B 31 -10.00 -13.23 -4.65
C ALA B 31 -8.57 -13.60 -5.02
N ARG B 32 -8.40 -14.46 -6.02
CA ARG B 32 -7.06 -14.87 -6.42
C ARG B 32 -6.24 -13.70 -6.95
N ILE B 33 -6.86 -12.85 -7.76
CA ILE B 33 -6.18 -11.70 -8.34
C ILE B 33 -5.83 -10.68 -7.25
N ALA B 34 -6.66 -10.59 -6.23
CA ALA B 34 -6.40 -9.67 -5.14
C ALA B 34 -5.15 -10.12 -4.38
N ALA B 35 -5.02 -11.42 -4.15
CA ALA B 35 -3.88 -11.96 -3.43
C ALA B 35 -2.60 -11.76 -4.24
N ILE B 36 -2.67 -12.04 -5.54
CA ILE B 36 -1.52 -11.84 -6.42
C ILE B 36 -1.14 -10.37 -6.40
N GLY B 37 -2.16 -9.50 -6.47
CA GLY B 37 -1.92 -8.07 -6.46
C GLY B 37 -1.26 -7.57 -5.18
N ASP B 38 -1.75 -8.05 -4.02
CA ASP B 38 -1.17 -7.62 -2.75
C ASP B 38 0.28 -8.10 -2.58
N VAL B 39 0.60 -9.27 -3.13
CA VAL B 39 1.96 -9.79 -3.05
C VAL B 39 2.84 -8.89 -3.92
N ASP B 40 2.30 -8.51 -5.07
CA ASP B 40 3.00 -7.63 -6.01
C ASP B 40 3.23 -6.26 -5.33
N GLU B 41 2.21 -5.77 -4.63
CA GLU B 41 2.31 -4.47 -3.96
C GLU B 41 3.39 -4.54 -2.90
N LEU B 42 3.40 -5.64 -2.14
CA LEU B 42 4.41 -5.86 -1.11
C LEU B 42 5.81 -5.85 -1.70
N ASN B 43 6.00 -6.60 -2.78
CA ASN B 43 7.30 -6.69 -3.43
C ASN B 43 7.74 -5.30 -3.90
N SER B 44 6.79 -4.50 -4.35
CA SER B 44 7.11 -3.17 -4.82
C SER B 44 7.55 -2.26 -3.66
N GLN B 45 6.89 -2.37 -2.52
CA GLN B 45 7.29 -1.55 -1.36
C GLN B 45 8.69 -1.94 -0.91
N ILE B 46 9.02 -3.22 -1.00
CA ILE B 46 10.36 -3.67 -0.61
C ILE B 46 11.36 -3.06 -1.58
N GLY B 47 10.95 -2.93 -2.84
CA GLY B 47 11.82 -2.33 -3.83
C GLY B 47 12.12 -0.89 -3.45
N VAL B 48 11.15 -0.22 -2.82
CA VAL B 48 11.35 1.16 -2.38
C VAL B 48 12.35 1.17 -1.22
N LEU B 49 12.19 0.21 -0.31
CA LEU B 49 13.08 0.08 0.83
C LEU B 49 14.52 -0.16 0.32
N LEU B 50 14.63 -0.98 -0.73
CA LEU B 50 15.94 -1.31 -1.32
C LEU B 50 16.62 -0.11 -1.98
N ALA B 51 15.85 0.92 -2.28
CA ALA B 51 16.39 2.12 -2.90
C ALA B 51 17.03 3.00 -1.84
N GLU B 52 16.95 2.56 -0.58
CA GLU B 52 17.53 3.30 0.53
C GLU B 52 18.93 2.78 0.85
N PRO B 53 19.70 3.53 1.66
CA PRO B 53 21.05 3.10 2.03
C PRO B 53 20.82 1.95 3.01
N LEU B 54 21.45 0.81 2.78
CA LEU B 54 21.23 -0.34 3.66
C LEU B 54 22.49 -1.14 3.94
N PRO B 55 22.53 -1.85 5.08
CA PRO B 55 23.69 -2.67 5.39
C PRO B 55 23.70 -3.74 4.29
N ASP B 56 24.86 -4.19 3.87
CA ASP B 56 24.94 -5.18 2.80
C ASP B 56 24.20 -6.48 3.05
N ASP B 57 24.26 -6.99 4.27
CA ASP B 57 23.58 -8.24 4.58
C ASP B 57 22.07 -8.07 4.49
N VAL B 58 21.58 -6.90 4.90
CA VAL B 58 20.14 -6.62 4.86
C VAL B 58 19.68 -6.51 3.42
N ARG B 59 20.48 -5.86 2.58
CA ARG B 59 20.15 -5.70 1.17
C ARG B 59 20.10 -7.08 0.50
N ALA B 60 21.11 -7.91 0.76
CA ALA B 60 21.17 -9.24 0.18
C ALA B 60 19.94 -10.05 0.57
N ALA B 61 19.53 -9.95 1.83
CA ALA B 61 18.36 -10.68 2.30
C ALA B 61 17.09 -10.20 1.58
N LEU B 62 16.87 -8.88 1.58
CA LEU B 62 15.69 -8.30 0.94
C LEU B 62 15.64 -8.57 -0.56
N SER B 63 16.80 -8.58 -1.21
CA SER B 63 16.84 -8.84 -2.65
C SER B 63 16.42 -10.29 -2.89
N ALA B 64 16.87 -11.19 -2.02
CA ALA B 64 16.52 -12.60 -2.18
C ALA B 64 15.01 -12.75 -1.97
N ILE B 65 14.48 -12.05 -0.98
CA ILE B 65 13.05 -12.09 -0.68
C ILE B 65 12.23 -11.63 -1.88
N GLN B 66 12.72 -10.65 -2.62
CA GLN B 66 12.02 -10.18 -3.81
C GLN B 66 11.86 -11.32 -4.81
N HIS B 67 12.88 -12.17 -4.91
CA HIS B 67 12.81 -13.30 -5.83
C HIS B 67 11.76 -14.29 -5.33
N ASP B 68 11.73 -14.51 -4.01
CA ASP B 68 10.75 -15.43 -3.42
C ASP B 68 9.32 -14.95 -3.68
N LEU B 69 9.08 -13.67 -3.46
CA LEU B 69 7.75 -13.12 -3.65
C LEU B 69 7.33 -13.23 -5.11
N PHE B 70 8.28 -13.09 -6.02
CA PHE B 70 7.98 -13.21 -7.45
C PHE B 70 7.51 -14.66 -7.67
N ASP B 71 8.25 -15.61 -7.11
CA ASP B 71 7.89 -17.03 -7.21
C ASP B 71 6.58 -17.31 -6.52
N LEU B 72 6.34 -16.64 -5.39
CA LEU B 72 5.11 -16.84 -4.64
C LEU B 72 3.95 -16.36 -5.49
N GLY B 73 4.12 -15.20 -6.12
CA GLY B 73 3.06 -14.70 -6.98
C GLY B 73 2.82 -15.68 -8.11
N GLY B 74 3.90 -16.30 -8.57
CA GLY B 74 3.79 -17.26 -9.65
C GLY B 74 2.97 -18.48 -9.25
N GLU B 75 3.17 -18.95 -8.03
CA GLU B 75 2.43 -20.11 -7.53
C GLU B 75 0.94 -19.80 -7.44
N LEU B 76 0.60 -18.56 -7.09
CA LEU B 76 -0.80 -18.15 -6.99
C LEU B 76 -1.41 -17.93 -8.37
N CYS B 77 -0.58 -17.59 -9.34
CA CYS B 77 -1.04 -17.31 -10.69
C CYS B 77 -1.01 -18.51 -11.65
N ILE B 78 -0.11 -19.46 -11.42
CA ILE B 78 0.01 -20.62 -12.31
C ILE B 78 -0.54 -21.91 -11.71
N PRO B 79 -1.69 -22.37 -12.21
CA PRO B 79 -2.33 -23.60 -11.73
C PRO B 79 -1.38 -24.79 -11.82
N GLY B 80 -1.57 -25.78 -10.95
CA GLY B 80 -0.71 -26.95 -10.97
C GLY B 80 0.75 -26.59 -10.82
N HIS B 81 1.03 -25.45 -10.21
CA HIS B 81 2.41 -25.02 -10.02
C HIS B 81 2.67 -24.51 -8.61
N ALA B 82 3.62 -25.15 -7.94
CA ALA B 82 4.01 -24.78 -6.59
C ALA B 82 5.45 -24.27 -6.72
N ALA B 83 5.87 -23.38 -5.81
CA ALA B 83 7.21 -22.84 -5.87
C ALA B 83 7.82 -22.62 -4.49
N ILE B 84 6.99 -22.31 -3.50
CA ILE B 84 7.51 -22.09 -2.17
C ILE B 84 7.61 -23.42 -1.44
N THR B 85 8.82 -23.71 -0.96
CA THR B 85 9.11 -24.97 -0.27
C THR B 85 9.66 -24.74 1.13
N ASP B 86 9.89 -25.85 1.85
CA ASP B 86 10.45 -25.76 3.20
C ASP B 86 11.73 -24.95 3.17
N ALA B 87 12.49 -25.09 2.09
CA ALA B 87 13.75 -24.36 1.96
C ALA B 87 13.52 -22.85 2.10
N HIS B 88 12.46 -22.37 1.46
CA HIS B 88 12.11 -20.96 1.52
C HIS B 88 11.75 -20.57 2.95
N LEU B 89 11.00 -21.43 3.63
CA LEU B 89 10.59 -21.16 4.99
C LEU B 89 11.76 -21.27 5.96
N ALA B 90 12.69 -22.17 5.66
CA ALA B 90 13.87 -22.39 6.50
C ALA B 90 14.77 -21.16 6.44
N ARG B 91 14.91 -20.59 5.25
CA ARG B 91 15.76 -19.43 5.08
C ARG B 91 15.21 -18.25 5.89
N LEU B 92 13.89 -18.09 5.88
CA LEU B 92 13.26 -17.01 6.63
C LEU B 92 13.52 -17.24 8.13
N ASP B 93 13.25 -18.45 8.61
CA ASP B 93 13.47 -18.75 10.01
C ASP B 93 14.95 -18.46 10.35
N GLY B 94 15.84 -18.79 9.42
CA GLY B 94 17.25 -18.53 9.63
C GLY B 94 17.56 -17.05 9.80
N TRP B 95 16.98 -16.23 8.93
CA TRP B 95 17.19 -14.79 9.01
C TRP B 95 16.57 -14.20 10.27
N LEU B 96 15.44 -14.75 10.70
CA LEU B 96 14.77 -14.30 11.91
C LEU B 96 15.65 -14.57 13.13
N ALA B 97 16.23 -15.76 13.19
CA ALA B 97 17.10 -16.13 14.32
C ALA B 97 18.37 -15.28 14.23
N HIS B 98 18.90 -15.18 13.02
CA HIS B 98 20.11 -14.41 12.74
C HIS B 98 20.00 -12.97 13.27
N TYR B 99 19.01 -12.24 12.78
CA TYR B 99 18.82 -10.84 13.17
C TYR B 99 18.30 -10.61 14.59
N ASN B 100 17.37 -11.42 15.05
CA ASN B 100 16.86 -11.23 16.39
C ASN B 100 17.99 -11.36 17.42
N GLY B 101 18.96 -12.21 17.10
CA GLY B 101 20.09 -12.43 17.99
C GLY B 101 21.00 -11.23 18.13
N GLN B 102 20.93 -10.31 17.17
CA GLN B 102 21.74 -9.10 17.16
C GLN B 102 21.10 -7.99 17.97
N LEU B 103 19.84 -8.20 18.34
CA LEU B 103 19.06 -7.21 19.07
C LEU B 103 18.71 -7.57 20.50
N PRO B 104 18.50 -6.55 21.35
CA PRO B 104 18.13 -6.78 22.74
C PRO B 104 16.65 -7.17 22.76
N PRO B 105 16.22 -7.92 23.77
CA PRO B 105 14.81 -8.31 23.83
C PRO B 105 13.88 -7.11 23.92
N LEU B 106 12.76 -7.19 23.19
CA LEU B 106 11.78 -6.12 23.21
C LEU B 106 11.00 -6.21 24.51
N GLU B 107 11.17 -5.21 25.38
CA GLU B 107 10.50 -5.20 26.67
C GLU B 107 9.18 -4.44 26.61
N GLU B 108 9.02 -3.60 25.60
CA GLU B 108 7.82 -2.78 25.47
C GLU B 108 7.37 -2.67 24.01
N PHE B 109 6.09 -2.34 23.80
CA PHE B 109 5.55 -2.19 22.46
C PHE B 109 6.23 -1.02 21.76
N ILE B 110 6.47 -1.14 20.47
CA ILE B 110 7.11 -0.06 19.73
C ILE B 110 6.18 0.48 18.66
N LEU B 111 6.38 1.73 18.28
CA LEU B 111 5.55 2.35 17.25
C LEU B 111 6.32 2.25 15.94
N PRO B 112 5.60 2.06 14.81
CA PRO B 112 6.30 1.95 13.53
C PRO B 112 6.89 3.30 13.12
N GLY B 113 8.21 3.32 12.94
CA GLY B 113 8.87 4.55 12.56
C GLY B 113 10.33 4.58 12.97
N GLY B 114 10.92 5.77 12.98
CA GLY B 114 12.31 5.90 13.36
C GLY B 114 13.07 6.37 12.13
N ALA B 115 14.21 5.75 11.86
CA ALA B 115 15.00 6.11 10.68
C ALA B 115 14.13 5.82 9.46
N ARG B 116 14.31 6.59 8.38
CA ARG B 116 13.53 6.40 7.17
C ARG B 116 13.49 4.94 6.71
N GLY B 117 14.65 4.29 6.68
CA GLY B 117 14.69 2.90 6.28
C GLY B 117 13.87 2.03 7.20
N ALA B 118 13.91 2.31 8.49
CA ALA B 118 13.15 1.52 9.46
C ALA B 118 11.65 1.74 9.26
N ALA B 119 11.25 3.00 9.04
CA ALA B 119 9.84 3.31 8.83
C ALA B 119 9.31 2.59 7.59
N LEU B 120 10.08 2.60 6.50
CA LEU B 120 9.68 1.93 5.27
C LEU B 120 9.55 0.43 5.48
N ALA B 121 10.40 -0.13 6.33
CA ALA B 121 10.33 -1.57 6.60
C ALA B 121 9.02 -1.89 7.32
N HIS B 122 8.57 -0.99 8.19
CA HIS B 122 7.30 -1.19 8.89
C HIS B 122 6.13 -1.13 7.91
N VAL B 123 6.23 -0.28 6.90
CA VAL B 123 5.18 -0.21 5.89
C VAL B 123 5.15 -1.56 5.17
N CYS B 124 6.33 -2.05 4.78
CA CYS B 124 6.42 -3.33 4.09
C CYS B 124 5.76 -4.41 4.97
N ARG B 125 6.05 -4.37 6.27
CA ARG B 125 5.48 -5.32 7.22
C ARG B 125 3.95 -5.29 7.20
N THR B 126 3.35 -4.11 7.17
CA THR B 126 1.89 -4.01 7.16
C THR B 126 1.30 -4.46 5.84
N VAL B 127 1.98 -4.14 4.74
CA VAL B 127 1.50 -4.55 3.43
C VAL B 127 1.65 -6.07 3.33
N CYS B 128 2.66 -6.60 4.00
CA CYS B 128 2.89 -8.05 4.00
C CYS B 128 1.72 -8.71 4.71
N ARG B 129 1.32 -8.14 5.85
CA ARG B 129 0.19 -8.67 6.61
C ARG B 129 -1.08 -8.58 5.76
N ARG B 130 -1.20 -7.50 5.00
CA ARG B 130 -2.36 -7.32 4.12
C ARG B 130 -2.39 -8.43 3.06
N ALA B 131 -1.22 -8.76 2.52
CA ALA B 131 -1.14 -9.81 1.50
C ALA B 131 -1.50 -11.15 2.15
N GLU B 132 -1.10 -11.32 3.41
CA GLU B 132 -1.40 -12.56 4.11
C GLU B 132 -2.91 -12.72 4.28
N ARG B 133 -3.60 -11.62 4.57
CA ARG B 133 -5.06 -11.68 4.74
C ARG B 133 -5.71 -12.10 3.41
N SER B 134 -5.17 -11.61 2.30
CA SER B 134 -5.68 -11.95 0.97
C SER B 134 -5.42 -13.41 0.61
N ILE B 135 -4.21 -13.89 0.94
CA ILE B 135 -3.85 -15.27 0.65
C ILE B 135 -4.75 -16.20 1.47
N VAL B 136 -5.02 -15.81 2.71
CA VAL B 136 -5.87 -16.59 3.60
C VAL B 136 -7.30 -16.62 3.07
N ALA B 137 -7.81 -15.48 2.62
CA ALA B 137 -9.17 -15.41 2.07
C ALA B 137 -9.25 -16.34 0.86
N LEU B 138 -8.23 -16.31 0.01
CA LEU B 138 -8.19 -17.14 -1.18
C LEU B 138 -8.21 -18.62 -0.83
N GLY B 139 -7.36 -19.03 0.10
CA GLY B 139 -7.30 -20.42 0.49
C GLY B 139 -8.56 -20.87 1.19
N ALA B 140 -9.44 -19.93 1.50
CA ALA B 140 -10.69 -20.26 2.19
C ALA B 140 -11.75 -20.78 1.22
N SER B 141 -11.50 -20.60 -0.07
CA SER B 141 -12.46 -21.04 -1.09
C SER B 141 -11.76 -21.71 -2.27
N GLU B 142 -10.44 -21.83 -2.18
CA GLU B 142 -9.66 -22.45 -3.23
C GLU B 142 -8.55 -23.30 -2.59
N PRO B 143 -8.27 -24.48 -3.15
CA PRO B 143 -7.23 -25.34 -2.58
C PRO B 143 -5.86 -24.68 -2.75
N LEU B 144 -5.20 -24.41 -1.63
CA LEU B 144 -3.90 -23.75 -1.64
C LEU B 144 -2.91 -24.48 -0.75
N ASN B 145 -1.63 -24.45 -1.11
CA ASN B 145 -0.61 -25.07 -0.27
C ASN B 145 -0.45 -24.15 0.93
N ALA B 146 0.03 -24.66 2.04
CA ALA B 146 0.21 -23.82 3.22
C ALA B 146 1.43 -22.92 3.08
N ALA B 147 2.41 -23.39 2.30
CA ALA B 147 3.66 -22.67 2.09
C ALA B 147 3.57 -21.16 1.87
N PRO B 148 2.77 -20.71 0.89
CA PRO B 148 2.66 -19.27 0.66
C PRO B 148 2.27 -18.52 1.92
N ARG B 149 1.21 -19.00 2.57
CA ARG B 149 0.70 -18.41 3.80
C ARG B 149 1.77 -18.38 4.89
N ARG B 150 2.48 -19.50 5.05
CA ARG B 150 3.52 -19.59 6.08
C ARG B 150 4.71 -18.71 5.74
N TYR B 151 4.93 -18.48 4.45
CA TYR B 151 6.03 -17.64 4.01
C TYR B 151 5.79 -16.18 4.43
N VAL B 152 4.66 -15.60 4.01
CA VAL B 152 4.38 -14.22 4.37
C VAL B 152 4.17 -14.05 5.88
N ASN B 153 3.74 -15.11 6.55
CA ASN B 153 3.55 -15.06 7.99
C ASN B 153 4.91 -14.78 8.63
N ARG B 154 5.93 -15.49 8.18
CA ARG B 154 7.29 -15.31 8.71
C ARG B 154 7.91 -14.00 8.23
N LEU B 155 7.66 -13.64 6.98
CA LEU B 155 8.21 -12.42 6.41
C LEU B 155 7.73 -11.18 7.19
N SER B 156 6.46 -11.19 7.60
CA SER B 156 5.92 -10.07 8.38
C SER B 156 6.80 -9.87 9.62
N ASP B 157 7.07 -10.97 10.33
CA ASP B 157 7.90 -10.88 11.53
C ASP B 157 9.34 -10.48 11.23
N LEU B 158 9.84 -10.90 10.06
CA LEU B 158 11.21 -10.58 9.67
C LEU B 158 11.33 -9.09 9.32
N LEU B 159 10.31 -8.53 8.69
CA LEU B 159 10.33 -7.12 8.34
C LEU B 159 10.29 -6.27 9.62
N PHE B 160 9.58 -6.76 10.64
CA PHE B 160 9.53 -6.07 11.93
C PHE B 160 10.95 -6.06 12.50
N VAL B 161 11.58 -7.23 12.51
CA VAL B 161 12.94 -7.37 13.03
C VAL B 161 13.93 -6.52 12.27
N LEU B 162 13.81 -6.50 10.94
CA LEU B 162 14.71 -5.71 10.12
C LEU B 162 14.53 -4.22 10.41
N ALA B 163 13.30 -3.82 10.73
CA ALA B 163 13.03 -2.42 11.04
C ALA B 163 13.91 -2.04 12.23
N ARG B 164 13.88 -2.89 13.26
CA ARG B 164 14.69 -2.65 14.46
C ARG B 164 16.18 -2.63 14.10
N VAL B 165 16.60 -3.52 13.20
CA VAL B 165 17.99 -3.56 12.80
C VAL B 165 18.40 -2.26 12.13
N LEU B 166 17.54 -1.74 11.26
CA LEU B 166 17.82 -0.50 10.56
C LEU B 166 17.86 0.71 11.50
N ASN B 167 17.06 0.67 12.57
CA ASN B 167 17.07 1.77 13.53
C ASN B 167 18.37 1.70 14.33
N ARG B 168 18.86 0.48 14.55
CA ARG B 168 20.09 0.27 15.29
C ARG B 168 21.22 0.81 14.42
N ALA B 169 21.25 0.36 13.17
CA ALA B 169 22.27 0.77 12.22
C ALA B 169 22.34 2.28 12.06
N ALA B 170 21.19 2.94 12.14
CA ALA B 170 21.14 4.40 12.00
C ALA B 170 21.58 5.06 13.31
N GLY B 171 21.96 4.24 14.27
CA GLY B 171 22.41 4.76 15.55
C GLY B 171 21.24 5.18 16.42
N GLY B 172 20.03 5.11 15.87
CA GLY B 172 18.85 5.49 16.62
C GLY B 172 18.29 4.32 17.40
N ALA B 173 17.00 4.38 17.71
CA ALA B 173 16.34 3.32 18.46
C ALA B 173 14.91 3.16 17.98
N ASP B 174 14.18 2.22 18.58
CA ASP B 174 12.80 1.98 18.22
C ASP B 174 11.90 2.92 19.03
N VAL B 175 10.87 3.45 18.39
CA VAL B 175 9.94 4.35 19.06
C VAL B 175 9.06 3.53 20.00
N LEU B 176 8.94 3.96 21.25
CA LEU B 176 8.12 3.26 22.22
C LEU B 176 6.81 4.01 22.45
N LEU C 5 5.00 -33.69 3.34
CA LEU C 5 5.07 -33.41 4.80
C LEU C 5 6.18 -32.42 5.09
N SER C 6 5.81 -31.22 5.50
CA SER C 6 6.81 -30.19 5.79
C SER C 6 7.64 -30.56 7.02
N LYS C 7 8.95 -30.36 6.94
CA LYS C 7 9.81 -30.67 8.06
C LYS C 7 10.05 -29.41 8.88
N ILE C 8 9.46 -28.31 8.41
CA ILE C 8 9.59 -27.02 9.10
C ILE C 8 8.59 -26.90 10.25
N ALA C 9 9.10 -26.57 11.42
CA ALA C 9 8.23 -26.41 12.59
C ALA C 9 7.25 -25.28 12.33
N THR C 10 6.04 -25.43 12.85
CA THR C 10 5.02 -24.41 12.67
C THR C 10 5.27 -23.27 13.66
N ARG C 11 4.83 -22.08 13.27
CA ARG C 11 4.94 -20.89 14.11
C ARG C 11 3.52 -20.42 14.36
N THR C 12 3.31 -19.66 15.43
CA THR C 12 1.97 -19.18 15.72
C THR C 12 1.48 -18.40 14.51
N GLY C 13 0.23 -18.63 14.12
CA GLY C 13 -0.33 -17.93 12.98
C GLY C 13 -0.16 -18.66 11.66
N ASP C 14 0.61 -19.75 11.66
CA ASP C 14 0.82 -20.50 10.43
C ASP C 14 -0.48 -21.06 9.87
N ASP C 15 -1.45 -21.32 10.74
CA ASP C 15 -2.73 -21.89 10.29
C ASP C 15 -3.71 -20.83 9.76
N GLY C 16 -3.22 -19.63 9.51
CA GLY C 16 -4.09 -18.60 8.97
C GLY C 16 -4.97 -17.91 10.00
N THR C 17 -4.62 -18.02 11.28
CA THR C 17 -5.39 -17.37 12.32
C THR C 17 -4.47 -16.44 13.12
N THR C 18 -5.07 -15.58 13.91
CA THR C 18 -4.33 -14.63 14.75
C THR C 18 -5.13 -14.45 16.04
N GLY C 19 -4.43 -14.12 17.13
CA GLY C 19 -5.11 -13.94 18.41
C GLY C 19 -5.60 -12.54 18.69
N LEU C 20 -6.67 -12.43 19.47
CA LEU C 20 -7.24 -11.14 19.83
C LEU C 20 -6.91 -10.77 21.28
N GLY C 21 -7.44 -9.63 21.73
CA GLY C 21 -7.19 -9.17 23.09
C GLY C 21 -7.88 -10.06 24.11
N ASP C 22 -7.65 -11.36 23.98
CA ASP C 22 -8.23 -12.37 24.86
C ASP C 22 -7.81 -13.71 24.29
N GLY C 23 -8.38 -14.79 24.81
CA GLY C 23 -8.03 -16.10 24.29
C GLY C 23 -8.64 -16.34 22.92
N SER C 24 -9.31 -15.32 22.39
CA SER C 24 -9.96 -15.42 21.08
C SER C 24 -9.01 -15.63 19.92
N ARG C 25 -9.41 -16.52 19.02
CA ARG C 25 -8.63 -16.87 17.84
C ARG C 25 -9.53 -16.61 16.63
N VAL C 26 -9.02 -15.90 15.63
CA VAL C 26 -9.82 -15.61 14.46
C VAL C 26 -9.01 -15.78 13.18
N ARG C 27 -9.67 -16.12 12.09
CA ARG C 27 -9.00 -16.29 10.81
C ARG C 27 -8.56 -14.91 10.34
N LYS C 28 -7.37 -14.82 9.77
CA LYS C 28 -6.80 -13.55 9.33
C LYS C 28 -7.59 -12.70 8.34
N ASP C 29 -8.53 -13.30 7.62
CA ASP C 29 -9.33 -12.54 6.67
C ASP C 29 -10.60 -11.97 7.33
N ASP C 30 -10.72 -12.12 8.64
CA ASP C 30 -11.89 -11.62 9.37
C ASP C 30 -11.91 -10.10 9.34
N ALA C 31 -13.11 -9.54 9.18
CA ALA C 31 -13.30 -8.09 9.13
C ALA C 31 -12.57 -7.34 10.25
N ARG C 32 -12.55 -7.92 11.44
CA ARG C 32 -11.89 -7.25 12.56
C ARG C 32 -10.38 -7.18 12.34
N ILE C 33 -9.82 -8.25 11.80
CA ILE C 33 -8.38 -8.30 11.54
C ILE C 33 -7.97 -7.32 10.44
N ALA C 34 -8.81 -7.15 9.43
CA ALA C 34 -8.52 -6.22 8.34
C ALA C 34 -8.54 -4.79 8.88
N ALA C 35 -9.47 -4.51 9.78
CA ALA C 35 -9.57 -3.17 10.38
C ALA C 35 -8.31 -2.88 11.20
N ILE C 36 -7.88 -3.86 11.98
CA ILE C 36 -6.68 -3.72 12.80
C ILE C 36 -5.45 -3.53 11.91
N GLY C 37 -5.37 -4.30 10.83
CA GLY C 37 -4.24 -4.21 9.92
C GLY C 37 -4.16 -2.87 9.20
N ASP C 38 -5.30 -2.35 8.74
CA ASP C 38 -5.31 -1.06 8.05
C ASP C 38 -4.92 0.09 8.97
N VAL C 39 -5.28 0.00 10.25
CA VAL C 39 -4.91 1.04 11.20
C VAL C 39 -3.40 0.98 11.40
N ASP C 40 -2.87 -0.24 11.46
CA ASP C 40 -1.44 -0.45 11.62
C ASP C 40 -0.72 0.11 10.39
N GLU C 41 -1.26 -0.15 9.20
CA GLU C 41 -0.65 0.34 7.95
C GLU C 41 -0.62 1.86 7.94
N LEU C 42 -1.72 2.48 8.39
CA LEU C 42 -1.82 3.93 8.47
C LEU C 42 -0.74 4.47 9.43
N ASN C 43 -0.61 3.83 10.58
CA ASN C 43 0.36 4.25 11.57
C ASN C 43 1.77 4.17 10.98
N SER C 44 2.04 3.11 10.21
CA SER C 44 3.35 2.94 9.60
C SER C 44 3.63 4.03 8.57
N GLN C 45 2.63 4.41 7.80
CA GLN C 45 2.81 5.46 6.81
C GLN C 45 3.09 6.79 7.50
N ILE C 46 2.46 7.00 8.66
CA ILE C 46 2.69 8.24 9.39
C ILE C 46 4.14 8.21 9.90
N GLY C 47 4.62 7.00 10.20
CA GLY C 47 5.99 6.83 10.65
C GLY C 47 6.95 7.28 9.55
N VAL C 48 6.61 6.96 8.31
CA VAL C 48 7.45 7.37 7.18
C VAL C 48 7.42 8.89 7.11
N LEU C 49 6.24 9.47 7.28
CA LEU C 49 6.09 10.92 7.26
C LEU C 49 6.94 11.57 8.37
N LEU C 50 6.98 10.93 9.54
CA LEU C 50 7.76 11.45 10.66
C LEU C 50 9.26 11.38 10.41
N ALA C 51 9.68 10.70 9.35
CA ALA C 51 11.11 10.59 9.03
C ALA C 51 11.55 11.74 8.13
N GLU C 52 10.59 12.61 7.82
CA GLU C 52 10.83 13.79 6.99
C GLU C 52 11.09 14.98 7.91
N PRO C 53 11.65 16.07 7.37
CA PRO C 53 11.88 17.24 8.21
C PRO C 53 10.48 17.81 8.40
N LEU C 54 10.14 18.24 9.61
CA LEU C 54 8.81 18.77 9.89
C LEU C 54 8.82 19.94 10.85
N PRO C 55 7.76 20.77 10.80
CA PRO C 55 7.70 21.90 11.72
C PRO C 55 7.49 21.24 13.08
N ASP C 56 7.92 21.89 14.15
CA ASP C 56 7.80 21.34 15.50
C ASP C 56 6.39 20.89 15.89
N ASP C 57 5.42 21.77 15.72
CA ASP C 57 4.05 21.44 16.09
C ASP C 57 3.46 20.29 15.28
N VAL C 58 3.76 20.23 13.99
CA VAL C 58 3.26 19.15 13.15
C VAL C 58 3.80 17.81 13.68
N ARG C 59 5.07 17.78 14.02
CA ARG C 59 5.69 16.57 14.53
C ARG C 59 5.09 16.12 15.85
N ALA C 60 4.81 17.07 16.73
CA ALA C 60 4.23 16.75 18.03
C ALA C 60 2.87 16.11 17.84
N ALA C 61 2.07 16.68 16.95
CA ALA C 61 0.73 16.16 16.69
C ALA C 61 0.77 14.76 16.10
N LEU C 62 1.60 14.55 15.07
CA LEU C 62 1.68 13.25 14.44
C LEU C 62 2.26 12.21 15.40
N SER C 63 3.23 12.60 16.20
CA SER C 63 3.84 11.69 17.17
C SER C 63 2.77 11.22 18.14
N ALA C 64 1.94 12.16 18.58
CA ALA C 64 0.85 11.84 19.51
C ALA C 64 -0.16 10.94 18.82
N ILE C 65 -0.46 11.24 17.56
CA ILE C 65 -1.42 10.45 16.81
C ILE C 65 -1.00 8.98 16.71
N GLN C 66 0.29 8.71 16.61
CA GLN C 66 0.76 7.32 16.54
C GLN C 66 0.38 6.57 17.80
N HIS C 67 0.45 7.23 18.95
CA HIS C 67 0.09 6.60 20.22
C HIS C 67 -1.41 6.33 20.21
N ASP C 68 -2.19 7.26 19.69
CA ASP C 68 -3.65 7.10 19.59
C ASP C 68 -4.00 5.91 18.71
N LEU C 69 -3.34 5.80 17.56
CA LEU C 69 -3.61 4.73 16.62
C LEU C 69 -3.25 3.38 17.21
N PHE C 70 -2.25 3.37 18.09
CA PHE C 70 -1.85 2.14 18.74
C PHE C 70 -3.00 1.76 19.66
N ASP C 71 -3.48 2.72 20.45
CA ASP C 71 -4.60 2.47 21.37
C ASP C 71 -5.82 2.03 20.59
N LEU C 72 -6.07 2.68 19.46
CA LEU C 72 -7.22 2.32 18.62
C LEU C 72 -7.12 0.87 18.17
N GLY C 73 -5.94 0.46 17.71
CA GLY C 73 -5.77 -0.90 17.27
C GLY C 73 -6.02 -1.83 18.44
N GLY C 74 -5.59 -1.40 19.63
CA GLY C 74 -5.78 -2.18 20.83
C GLY C 74 -7.26 -2.36 21.11
N GLU C 75 -8.02 -1.27 21.02
CA GLU C 75 -9.45 -1.32 21.26
C GLU C 75 -10.12 -2.33 20.32
N LEU C 76 -9.70 -2.35 19.06
CA LEU C 76 -10.27 -3.26 18.07
C LEU C 76 -9.83 -4.70 18.34
N CYS C 77 -8.70 -4.87 19.04
CA CYS C 77 -8.18 -6.20 19.36
C CYS C 77 -8.97 -6.86 20.48
N ILE C 78 -9.60 -6.04 21.31
CA ILE C 78 -10.39 -6.53 22.43
C ILE C 78 -11.85 -6.16 22.21
N PRO C 79 -12.63 -7.03 21.56
CA PRO C 79 -14.04 -6.78 21.28
C PRO C 79 -14.74 -5.99 22.39
N GLY C 80 -14.59 -6.46 23.62
CA GLY C 80 -15.20 -5.79 24.76
C GLY C 80 -14.21 -4.86 25.43
N HIS C 81 -13.90 -3.74 24.79
CA HIS C 81 -12.96 -2.78 25.34
C HIS C 81 -13.14 -1.43 24.66
N ALA C 82 -12.60 -0.38 25.28
CA ALA C 82 -12.70 0.97 24.74
C ALA C 82 -11.49 1.77 25.18
N ALA C 83 -10.64 2.14 24.23
CA ALA C 83 -9.44 2.89 24.53
C ALA C 83 -9.58 4.33 24.04
N ILE C 84 -10.20 4.49 22.87
CA ILE C 84 -10.40 5.81 22.30
C ILE C 84 -11.61 6.45 22.96
N THR C 85 -11.42 7.64 23.53
CA THR C 85 -12.50 8.34 24.19
C THR C 85 -12.72 9.68 23.52
N ASP C 86 -13.75 10.39 23.97
CA ASP C 86 -14.07 11.69 23.39
C ASP C 86 -12.89 12.64 23.53
N ALA C 87 -12.05 12.40 24.56
CA ALA C 87 -10.88 13.24 24.79
C ALA C 87 -9.94 13.17 23.59
N HIS C 88 -9.85 12.00 22.96
CA HIS C 88 -9.01 11.82 21.78
C HIS C 88 -9.63 12.57 20.63
N LEU C 89 -10.94 12.41 20.46
CA LEU C 89 -11.66 13.09 19.39
C LEU C 89 -11.56 14.58 19.57
N ALA C 90 -11.75 15.03 20.81
CA ALA C 90 -11.68 16.45 21.13
C ALA C 90 -10.32 17.03 20.76
N ARG C 91 -9.25 16.28 21.01
CA ARG C 91 -7.92 16.78 20.68
C ARG C 91 -7.74 16.92 19.17
N LEU C 92 -8.32 16.01 18.39
CA LEU C 92 -8.20 16.12 16.93
C LEU C 92 -8.97 17.36 16.49
N ASP C 93 -10.12 17.61 17.10
CA ASP C 93 -10.92 18.78 16.74
C ASP C 93 -10.10 20.04 16.97
N GLY C 94 -9.40 20.09 18.11
CA GLY C 94 -8.57 21.23 18.44
C GLY C 94 -7.46 21.44 17.40
N TRP C 95 -6.82 20.36 16.99
CA TRP C 95 -5.75 20.46 16.00
C TRP C 95 -6.31 20.95 14.65
N LEU C 96 -7.49 20.46 14.30
CA LEU C 96 -8.13 20.86 13.05
C LEU C 96 -8.37 22.36 13.03
N ALA C 97 -8.89 22.89 14.13
CA ALA C 97 -9.17 24.32 14.25
C ALA C 97 -7.86 25.11 14.24
N HIS C 98 -6.89 24.62 14.98
CA HIS C 98 -5.58 25.27 15.06
C HIS C 98 -4.88 25.42 13.71
N TYR C 99 -4.78 24.32 12.96
CA TYR C 99 -4.10 24.37 11.67
C TYR C 99 -4.91 25.04 10.57
N ASN C 100 -6.22 24.81 10.55
CA ASN C 100 -7.07 25.44 9.55
C ASN C 100 -6.95 26.95 9.71
N GLY C 101 -6.70 27.39 10.95
CA GLY C 101 -6.55 28.80 11.22
C GLY C 101 -5.25 29.37 10.70
N GLN C 102 -4.27 28.49 10.47
CA GLN C 102 -2.97 28.90 9.94
C GLN C 102 -3.03 29.05 8.42
N LEU C 103 -4.04 28.45 7.81
CA LEU C 103 -4.16 28.48 6.35
C LEU C 103 -5.26 29.38 5.78
N PRO C 104 -4.98 29.99 4.62
CA PRO C 104 -5.94 30.88 3.95
C PRO C 104 -7.06 30.07 3.31
N PRO C 105 -8.19 30.72 3.00
CA PRO C 105 -9.33 30.03 2.38
C PRO C 105 -8.95 29.21 1.15
N LEU C 106 -9.50 28.01 1.06
CA LEU C 106 -9.25 27.11 -0.07
C LEU C 106 -10.34 27.34 -1.09
N GLU C 107 -10.02 28.08 -2.15
CA GLU C 107 -11.00 28.40 -3.17
C GLU C 107 -11.18 27.34 -4.26
N GLU C 108 -10.10 26.69 -4.66
CA GLU C 108 -10.17 25.66 -5.70
C GLU C 108 -9.68 24.30 -5.24
N PHE C 109 -10.06 23.27 -5.97
CA PHE C 109 -9.65 21.90 -5.64
C PHE C 109 -8.14 21.80 -5.80
N ILE C 110 -7.53 20.86 -5.08
CA ILE C 110 -6.09 20.68 -5.18
C ILE C 110 -5.76 19.19 -5.26
N LEU C 111 -4.74 18.86 -6.04
CA LEU C 111 -4.32 17.49 -6.23
C LEU C 111 -3.23 17.09 -5.23
N PRO C 112 -3.26 15.82 -4.78
CA PRO C 112 -2.27 15.32 -3.82
C PRO C 112 -0.84 15.37 -4.35
N GLY C 113 0.01 16.14 -3.69
CA GLY C 113 1.40 16.28 -4.12
C GLY C 113 2.07 17.51 -3.54
N GLY C 114 3.23 17.85 -4.08
CA GLY C 114 3.97 19.01 -3.60
C GLY C 114 5.30 18.57 -3.02
N ALA C 115 5.71 19.16 -1.90
CA ALA C 115 6.96 18.76 -1.26
C ALA C 115 6.75 17.29 -0.86
N ARG C 116 7.84 16.54 -0.70
CA ARG C 116 7.72 15.13 -0.33
C ARG C 116 6.87 14.93 0.93
N GLY C 117 7.07 15.80 1.93
CA GLY C 117 6.31 15.71 3.16
C GLY C 117 4.82 15.88 2.93
N ALA C 118 4.45 16.86 2.12
CA ALA C 118 3.04 17.09 1.83
C ALA C 118 2.47 15.90 1.05
N ALA C 119 3.24 15.40 0.09
CA ALA C 119 2.80 14.26 -0.73
C ALA C 119 2.57 13.03 0.16
N LEU C 120 3.47 12.80 1.11
CA LEU C 120 3.34 11.66 2.01
C LEU C 120 2.12 11.84 2.92
N ALA C 121 1.83 13.09 3.29
CA ALA C 121 0.69 13.38 4.14
C ALA C 121 -0.59 12.97 3.41
N HIS C 122 -0.63 13.17 2.10
CA HIS C 122 -1.81 12.77 1.33
C HIS C 122 -1.93 11.25 1.23
N VAL C 123 -0.80 10.55 1.25
CA VAL C 123 -0.84 9.09 1.21
C VAL C 123 -1.41 8.64 2.55
N CYS C 124 -0.94 9.25 3.63
CA CYS C 124 -1.44 8.91 4.96
C CYS C 124 -2.94 9.17 4.96
N ARG C 125 -3.34 10.27 4.35
CA ARG C 125 -4.75 10.63 4.28
C ARG C 125 -5.59 9.55 3.58
N THR C 126 -5.17 9.10 2.40
CA THR C 126 -5.93 8.08 1.69
C THR C 126 -5.89 6.72 2.41
N VAL C 127 -4.77 6.41 3.05
CA VAL C 127 -4.70 5.13 3.76
C VAL C 127 -5.60 5.22 4.99
N CYS C 128 -5.71 6.41 5.57
CA CYS C 128 -6.56 6.64 6.74
C CYS C 128 -8.03 6.42 6.32
N ARG C 129 -8.38 6.89 5.14
CA ARG C 129 -9.75 6.70 4.65
C ARG C 129 -10.00 5.22 4.33
N ARG C 130 -8.94 4.51 3.95
CA ARG C 130 -9.09 3.07 3.67
C ARG C 130 -9.34 2.34 4.98
N ALA C 131 -8.64 2.76 6.04
CA ALA C 131 -8.82 2.17 7.36
C ALA C 131 -10.23 2.47 7.87
N GLU C 132 -10.73 3.66 7.55
CA GLU C 132 -12.09 4.01 7.97
C GLU C 132 -13.10 3.05 7.31
N ARG C 133 -12.87 2.70 6.04
CA ARG C 133 -13.77 1.79 5.35
C ARG C 133 -13.78 0.42 5.99
N SER C 134 -12.61 -0.04 6.46
CA SER C 134 -12.51 -1.35 7.11
C SER C 134 -13.21 -1.32 8.47
N ILE C 135 -13.09 -0.20 9.17
CA ILE C 135 -13.73 -0.08 10.48
C ILE C 135 -15.24 -0.07 10.26
N VAL C 136 -15.70 0.62 9.22
CA VAL C 136 -17.13 0.66 8.88
C VAL C 136 -17.59 -0.76 8.53
N ALA C 137 -16.78 -1.48 7.78
CA ALA C 137 -17.13 -2.86 7.42
C ALA C 137 -17.26 -3.71 8.68
N LEU C 138 -16.40 -3.46 9.67
CA LEU C 138 -16.46 -4.22 10.92
C LEU C 138 -17.79 -3.98 11.62
N GLY C 139 -18.25 -2.72 11.61
CA GLY C 139 -19.51 -2.38 12.25
C GLY C 139 -20.69 -3.06 11.58
N ALA C 140 -20.53 -3.48 10.32
CA ALA C 140 -21.62 -4.16 9.63
C ALA C 140 -21.75 -5.61 10.05
N SER C 141 -20.71 -6.16 10.66
CA SER C 141 -20.74 -7.56 11.10
C SER C 141 -20.77 -7.71 12.61
N GLU C 142 -20.40 -6.65 13.33
CA GLU C 142 -20.40 -6.70 14.80
C GLU C 142 -20.73 -5.35 15.43
N PRO C 143 -21.28 -5.37 16.67
CA PRO C 143 -21.61 -4.11 17.33
C PRO C 143 -20.28 -3.41 17.53
N LEU C 144 -20.24 -2.09 17.37
CA LEU C 144 -19.00 -1.36 17.52
C LEU C 144 -19.28 0.07 17.93
N ASN C 145 -18.60 0.56 18.96
CA ASN C 145 -18.83 1.95 19.36
C ASN C 145 -18.28 2.82 18.24
N ALA C 146 -18.73 4.06 18.18
CA ALA C 146 -18.34 4.97 17.12
C ALA C 146 -16.98 5.67 17.21
N ALA C 147 -16.41 5.78 18.41
CA ALA C 147 -15.13 6.47 18.58
C ALA C 147 -14.09 6.13 17.52
N PRO C 148 -13.91 4.83 17.21
CA PRO C 148 -12.91 4.43 16.21
C PRO C 148 -13.14 5.07 14.83
N ARG C 149 -14.36 4.96 14.33
CA ARG C 149 -14.68 5.55 13.03
C ARG C 149 -14.56 7.05 13.10
N ARG C 150 -15.10 7.64 14.17
CA ARG C 150 -15.04 9.08 14.36
C ARG C 150 -13.61 9.60 14.42
N TYR C 151 -12.74 8.84 15.08
CA TYR C 151 -11.34 9.25 15.17
C TYR C 151 -10.68 9.29 13.80
N VAL C 152 -10.75 8.19 13.05
CA VAL C 152 -10.10 8.15 11.75
C VAL C 152 -10.73 9.10 10.74
N ASN C 153 -12.02 9.35 10.90
CA ASN C 153 -12.72 10.27 10.00
C ASN C 153 -12.14 11.67 10.22
N ARG C 154 -11.94 12.03 11.49
CA ARG C 154 -11.38 13.34 11.82
C ARG C 154 -9.92 13.41 11.40
N LEU C 155 -9.17 12.34 11.63
CA LEU C 155 -7.76 12.31 11.27
C LEU C 155 -7.52 12.50 9.77
N SER C 156 -8.36 11.91 8.92
CA SER C 156 -8.15 12.06 7.50
C SER C 156 -8.29 13.54 7.12
N ASP C 157 -9.20 14.26 7.76
CA ASP C 157 -9.36 15.69 7.48
C ASP C 157 -8.14 16.46 7.97
N LEU C 158 -7.60 16.04 9.11
CA LEU C 158 -6.43 16.70 9.67
C LEU C 158 -5.24 16.49 8.74
N LEU C 159 -5.04 15.25 8.27
CA LEU C 159 -3.95 14.96 7.35
C LEU C 159 -4.03 15.83 6.10
N PHE C 160 -5.25 16.11 5.65
CA PHE C 160 -5.43 16.98 4.48
C PHE C 160 -4.88 18.37 4.78
N VAL C 161 -5.30 18.91 5.93
CA VAL C 161 -4.85 20.23 6.35
C VAL C 161 -3.34 20.26 6.58
N LEU C 162 -2.80 19.20 7.19
CA LEU C 162 -1.37 19.13 7.44
C LEU C 162 -0.56 19.09 6.15
N ALA C 163 -1.14 18.51 5.09
CA ALA C 163 -0.46 18.45 3.80
C ALA C 163 -0.25 19.88 3.31
N ARG C 164 -1.27 20.71 3.48
CA ARG C 164 -1.20 22.10 3.06
C ARG C 164 -0.16 22.84 3.91
N VAL C 165 -0.14 22.54 5.21
CA VAL C 165 0.81 23.18 6.12
C VAL C 165 2.24 22.81 5.73
N LEU C 166 2.46 21.53 5.42
CA LEU C 166 3.78 21.05 5.07
C LEU C 166 4.35 21.67 3.79
N ASN C 167 3.49 21.92 2.81
CA ASN C 167 3.94 22.55 1.58
C ASN C 167 4.47 23.95 1.90
N ARG C 168 3.68 24.70 2.66
CA ARG C 168 4.05 26.06 3.05
C ARG C 168 5.42 26.04 3.72
N ALA C 169 5.57 25.16 4.70
CA ALA C 169 6.80 25.02 5.45
C ALA C 169 7.98 24.48 4.63
N ALA C 170 7.69 23.59 3.68
CA ALA C 170 8.75 23.02 2.84
C ALA C 170 9.07 23.90 1.64
N GLY C 171 8.17 24.83 1.35
CA GLY C 171 8.36 25.72 0.22
C GLY C 171 8.18 25.01 -1.10
#